data_5X00
#
_entry.id   5X00
#
_cell.length_a   48.370
_cell.length_b   71.210
_cell.length_c   89.140
_cell.angle_alpha   90.00
_cell.angle_beta   90.00
_cell.angle_gamma   90.00
#
_symmetry.space_group_name_H-M   'P 21 21 21'
#
loop_
_entity.id
_entity.type
_entity.pdbx_description
1 polymer 'Nucleoside diphosphate kinase'
2 water water
#
_entity_poly.entity_id   1
_entity_poly.type   'polypeptide(L)'
_entity_poly.pdbx_seq_one_letter_code
;GSMALERTFSIIKPDAVKRNLIGEIYHRIEKAGLQIIAAKMVHLSEEQASGFYAEHEGKPFFEPLKEFMTSGPIMVQVLE
GENAIARYRELMGKTNPEEAACGTLRADYALSMRYNSVHGSDSPASAAREIEFFFPESEICPRP
;
_entity_poly.pdbx_strand_id   A,B
#
# COMPACT_ATOMS: atom_id res chain seq x y z
N GLY A 1 8.52 7.63 24.68
CA GLY A 1 9.43 8.27 23.75
C GLY A 1 10.74 7.51 23.60
N SER A 2 10.64 6.27 23.13
CA SER A 2 11.82 5.43 22.98
C SER A 2 12.65 5.85 21.77
N MET A 3 13.96 5.68 21.89
CA MET A 3 14.87 5.90 20.78
C MET A 3 15.10 4.66 19.94
N ALA A 4 14.47 3.54 20.30
CA ALA A 4 14.51 2.34 19.47
C ALA A 4 13.64 2.46 18.22
N LEU A 5 13.04 3.62 17.99
CA LEU A 5 12.24 3.85 16.79
C LEU A 5 13.11 3.74 15.55
N GLU A 6 12.62 2.97 14.57
CA GLU A 6 13.30 2.84 13.29
C GLU A 6 12.30 2.36 12.26
N ARG A 7 12.62 2.59 11.00
CA ARG A 7 11.77 2.19 9.89
C ARG A 7 12.48 1.16 9.03
N THR A 8 11.70 0.28 8.41
CA THR A 8 12.21 -0.75 7.52
C THR A 8 11.39 -0.76 6.25
N PHE A 9 12.00 -1.25 5.18
CA PHE A 9 11.37 -1.34 3.88
C PHE A 9 10.84 -2.75 3.65
N SER A 10 9.77 -2.86 2.86
CA SER A 10 9.11 -4.13 2.64
C SER A 10 8.52 -4.17 1.23
N ILE A 11 8.67 -5.33 0.58
CA ILE A 11 8.12 -5.55 -0.76
C ILE A 11 7.33 -6.85 -0.76
N ILE A 12 6.13 -6.81 -1.33
CA ILE A 12 5.31 -7.99 -1.54
C ILE A 12 5.47 -8.38 -3.01
N LYS A 13 6.20 -9.47 -3.26
CA LYS A 13 6.60 -9.86 -4.61
C LYS A 13 5.39 -10.26 -5.44
N PRO A 14 5.50 -10.22 -6.77
CA PRO A 14 4.31 -10.43 -7.62
C PRO A 14 3.61 -11.75 -7.40
N ASP A 15 4.33 -12.79 -6.97
CA ASP A 15 3.68 -14.08 -6.72
C ASP A 15 2.63 -13.97 -5.62
N ALA A 16 2.89 -13.14 -4.61
CA ALA A 16 1.92 -12.94 -3.54
C ALA A 16 0.85 -11.93 -3.92
N VAL A 17 1.18 -10.96 -4.79
CA VAL A 17 0.17 -10.03 -5.27
C VAL A 17 -0.78 -10.71 -6.23
N LYS A 18 -0.23 -11.54 -7.14
CA LYS A 18 -1.08 -12.26 -8.08
C LYS A 18 -1.97 -13.26 -7.36
N ARG A 19 -1.51 -13.83 -6.26
CA ARG A 19 -2.30 -14.77 -5.47
C ARG A 19 -3.22 -14.07 -4.48
N ASN A 20 -3.22 -12.74 -4.44
CA ASN A 20 -4.09 -11.96 -3.56
C ASN A 20 -3.83 -12.26 -2.08
N LEU A 21 -2.58 -12.04 -1.67
CA LEU A 21 -2.17 -12.23 -0.28
C LEU A 21 -1.77 -10.92 0.38
N ILE A 22 -2.10 -9.77 -0.22
CA ILE A 22 -1.67 -8.49 0.33
C ILE A 22 -2.24 -8.27 1.72
N GLY A 23 -3.53 -8.59 1.90
CA GLY A 23 -4.15 -8.39 3.20
C GLY A 23 -3.61 -9.33 4.26
N GLU A 24 -3.31 -10.58 3.88
CA GLU A 24 -2.80 -11.55 4.84
C GLU A 24 -1.41 -11.17 5.32
N ILE A 25 -0.60 -10.55 4.46
CA ILE A 25 0.74 -10.14 4.87
C ILE A 25 0.68 -8.87 5.71
N TYR A 26 -0.18 -7.93 5.33
CA TYR A 26 -0.37 -6.72 6.13
C TYR A 26 -0.83 -7.05 7.55
N HIS A 27 -1.74 -8.01 7.68
CA HIS A 27 -2.27 -8.35 9.00
C HIS A 27 -1.19 -8.93 9.90
N ARG A 28 -0.31 -9.78 9.35
CA ARG A 28 0.77 -10.32 10.14
C ARG A 28 1.76 -9.24 10.55
N ILE A 29 1.93 -8.20 9.73
CA ILE A 29 2.83 -7.11 10.09
C ILE A 29 2.20 -6.24 11.17
N GLU A 30 0.92 -5.91 11.02
CA GLU A 30 0.26 -5.06 12.01
C GLU A 30 0.11 -5.77 13.35
N LYS A 31 -0.10 -7.09 13.35
CA LYS A 31 -0.27 -7.83 14.59
C LYS A 31 1.02 -7.97 15.38
N ALA A 32 2.16 -7.54 14.82
CA ALA A 32 3.45 -7.62 15.50
C ALA A 32 3.93 -6.27 16.00
N GLY A 33 3.02 -5.30 16.14
CA GLY A 33 3.36 -4.00 16.65
C GLY A 33 3.78 -2.98 15.61
N LEU A 34 4.10 -3.41 14.39
CA LEU A 34 4.53 -2.50 13.35
C LEU A 34 3.33 -1.76 12.76
N GLN A 35 3.63 -0.67 12.05
CA GLN A 35 2.61 0.19 11.47
C GLN A 35 3.07 0.66 10.10
N ILE A 36 2.14 0.73 9.15
CA ILE A 36 2.44 1.14 7.79
C ILE A 36 2.27 2.64 7.70
N ILE A 37 3.39 3.37 7.60
CA ILE A 37 3.37 4.83 7.49
C ILE A 37 3.58 5.30 6.06
N ALA A 38 3.81 4.38 5.12
CA ALA A 38 3.98 4.73 3.71
C ALA A 38 3.84 3.47 2.85
N ALA A 39 3.05 3.54 1.78
CA ALA A 39 2.83 2.37 0.95
C ALA A 39 2.28 2.80 -0.40
N LYS A 40 2.54 1.97 -1.41
CA LYS A 40 1.98 2.17 -2.75
C LYS A 40 2.23 0.91 -3.57
N MET A 41 1.41 0.74 -4.60
CA MET A 41 1.53 -0.38 -5.53
C MET A 41 2.13 0.12 -6.84
N VAL A 42 3.25 -0.46 -7.25
CA VAL A 42 3.93 -0.09 -8.48
C VAL A 42 4.21 -1.35 -9.28
N HIS A 43 4.42 -1.16 -10.59
CA HIS A 43 4.83 -2.21 -11.50
C HIS A 43 6.20 -1.84 -12.04
N LEU A 44 7.23 -2.54 -11.58
CA LEU A 44 8.60 -2.21 -11.93
C LEU A 44 8.84 -2.47 -13.42
N SER A 45 9.95 -1.92 -13.91
CA SER A 45 10.38 -2.08 -15.29
C SER A 45 11.83 -2.55 -15.32
N GLU A 46 12.35 -2.79 -16.52
CA GLU A 46 13.74 -3.15 -16.67
C GLU A 46 14.65 -2.05 -16.11
N GLU A 47 14.26 -0.79 -16.31
CA GLU A 47 15.08 0.32 -15.86
C GLU A 47 15.02 0.50 -14.35
N GLN A 48 13.85 0.25 -13.73
CA GLN A 48 13.70 0.49 -12.31
C GLN A 48 14.21 -0.67 -11.47
N ALA A 49 13.97 -1.91 -11.91
CA ALA A 49 14.48 -3.07 -11.18
C ALA A 49 16.00 -3.13 -11.22
N SER A 50 16.61 -2.59 -12.28
CA SER A 50 18.06 -2.57 -12.36
C SER A 50 18.67 -1.57 -11.38
N GLY A 51 17.97 -0.47 -11.10
CA GLY A 51 18.50 0.51 -10.17
C GLY A 51 18.41 0.06 -8.74
N PHE A 52 17.31 -0.59 -8.36
CA PHE A 52 17.15 -1.04 -6.98
C PHE A 52 18.14 -2.15 -6.64
N TYR A 53 18.20 -3.20 -7.46
CA TYR A 53 19.12 -4.30 -7.26
C TYR A 53 20.47 -4.07 -7.96
N ALA A 54 20.90 -2.81 -8.07
CA ALA A 54 22.11 -2.49 -8.82
C ALA A 54 23.36 -3.10 -8.19
N GLU A 55 23.30 -3.53 -6.93
CA GLU A 55 24.45 -4.11 -6.27
C GLU A 55 24.76 -5.53 -6.74
N HIS A 56 23.97 -6.09 -7.64
CA HIS A 56 24.12 -7.46 -8.09
C HIS A 56 24.19 -7.53 -9.61
N GLU A 57 24.89 -6.57 -10.22
CA GLU A 57 24.94 -6.51 -11.69
C GLU A 57 25.83 -7.61 -12.27
N GLY A 58 26.99 -7.85 -11.65
CA GLY A 58 27.91 -8.85 -12.16
C GLY A 58 27.53 -10.29 -11.89
N LYS A 59 26.60 -10.52 -10.98
CA LYS A 59 26.21 -11.89 -10.67
C LYS A 59 25.42 -12.50 -11.83
N PRO A 60 25.61 -13.78 -12.13
CA PRO A 60 24.88 -14.41 -13.24
C PRO A 60 23.40 -14.59 -13.00
N PHE A 61 22.86 -14.18 -11.84
CA PHE A 61 21.44 -14.29 -11.57
C PHE A 61 20.73 -12.93 -11.62
N PHE A 62 21.37 -11.92 -12.21
CA PHE A 62 20.75 -10.59 -12.29
C PHE A 62 19.62 -10.55 -13.31
N GLU A 63 19.89 -11.00 -14.53
CA GLU A 63 18.91 -11.01 -15.62
C GLU A 63 17.58 -11.68 -15.23
N PRO A 64 17.60 -12.80 -14.47
CA PRO A 64 16.31 -13.37 -14.02
C PRO A 64 15.71 -12.64 -12.82
N LEU A 65 16.55 -12.25 -11.86
CA LEU A 65 16.06 -11.48 -10.72
C LEU A 65 15.35 -10.22 -11.18
N LYS A 66 15.92 -9.54 -12.17
CA LYS A 66 15.24 -8.41 -12.80
C LYS A 66 13.96 -8.86 -13.48
N GLU A 67 13.93 -10.08 -14.03
CA GLU A 67 12.78 -10.57 -14.76
C GLU A 67 11.65 -11.05 -13.85
N PHE A 68 11.96 -11.41 -12.59
CA PHE A 68 10.91 -11.83 -11.67
C PHE A 68 10.18 -10.64 -11.08
N MET A 69 10.92 -9.62 -10.64
CA MET A 69 10.33 -8.43 -10.05
C MET A 69 9.62 -7.53 -11.05
N THR A 70 9.63 -7.89 -12.33
CA THR A 70 8.90 -7.15 -13.36
C THR A 70 7.86 -8.00 -14.07
N SER A 71 7.57 -9.19 -13.55
CA SER A 71 6.53 -10.03 -14.13
C SER A 71 5.14 -9.69 -13.61
N GLY A 72 5.02 -8.79 -12.65
CA GLY A 72 3.75 -8.40 -12.10
C GLY A 72 3.87 -7.24 -11.13
N PRO A 73 2.74 -6.65 -10.77
CA PRO A 73 2.76 -5.53 -9.82
C PRO A 73 3.21 -5.98 -8.44
N ILE A 74 3.89 -5.08 -7.74
CA ILE A 74 4.36 -5.37 -6.39
C ILE A 74 3.70 -4.41 -5.41
N MET A 75 3.98 -4.59 -4.13
CA MET A 75 3.52 -3.70 -3.07
C MET A 75 4.72 -3.35 -2.19
N VAL A 76 5.04 -2.06 -2.13
CA VAL A 76 6.18 -1.57 -1.36
C VAL A 76 5.66 -0.70 -0.21
N GLN A 77 6.18 -0.93 0.98
CA GLN A 77 5.70 -0.23 2.18
C GLN A 77 6.88 0.17 3.04
N VAL A 78 6.60 1.11 3.95
CA VAL A 78 7.55 1.52 4.98
C VAL A 78 6.93 1.18 6.32
N LEU A 79 7.52 0.24 7.04
CA LEU A 79 7.02 -0.21 8.33
C LEU A 79 7.80 0.46 9.44
N GLU A 80 7.07 0.98 10.43
CA GLU A 80 7.66 1.75 11.53
C GLU A 80 7.32 1.11 12.86
N GLY A 81 8.22 1.24 13.82
CA GLY A 81 8.00 0.73 15.16
C GLY A 81 9.31 0.55 15.89
N GLU A 82 9.17 0.18 17.16
CA GLU A 82 10.35 -0.10 17.99
C GLU A 82 11.05 -1.36 17.49
N ASN A 83 12.33 -1.21 17.15
CA ASN A 83 13.14 -2.32 16.64
C ASN A 83 12.49 -2.97 15.43
N ALA A 84 11.98 -2.14 14.52
CA ALA A 84 11.24 -2.64 13.37
C ALA A 84 12.11 -3.46 12.43
N ILE A 85 13.42 -3.21 12.42
CA ILE A 85 14.30 -3.99 11.56
C ILE A 85 14.30 -5.46 11.99
N ALA A 86 14.55 -5.72 13.27
CA ALA A 86 14.61 -7.09 13.76
C ALA A 86 13.23 -7.71 13.88
N ARG A 87 12.23 -6.92 14.29
CA ARG A 87 10.89 -7.47 14.45
C ARG A 87 10.33 -7.95 13.12
N TYR A 88 10.51 -7.17 12.05
CA TYR A 88 10.01 -7.58 10.75
C TYR A 88 10.86 -8.70 10.14
N ARG A 89 12.17 -8.70 10.40
CA ARG A 89 13.01 -9.81 9.96
C ARG A 89 12.61 -11.10 10.66
N GLU A 90 12.19 -11.01 11.93
CA GLU A 90 11.76 -12.21 12.65
C GLU A 90 10.41 -12.71 12.16
N LEU A 91 9.59 -11.81 11.61
CA LEU A 91 8.28 -12.21 11.12
C LEU A 91 8.40 -13.20 9.97
N MET A 92 9.23 -12.89 8.99
CA MET A 92 9.43 -13.76 7.84
C MET A 92 10.42 -14.89 8.12
N GLY A 93 11.00 -14.95 9.31
CA GLY A 93 12.01 -15.94 9.60
C GLY A 93 13.40 -15.33 9.66
N LYS A 94 13.98 -15.06 8.49
CA LYS A 94 15.28 -14.41 8.41
C LYS A 94 15.30 -13.37 7.30
N ARG A 114 16.80 -14.34 -1.25
CA ARG A 114 16.85 -13.80 -2.62
C ARG A 114 15.46 -13.82 -3.24
N TYR A 115 14.81 -14.98 -3.23
CA TYR A 115 13.46 -15.16 -3.77
C TYR A 115 12.55 -15.65 -2.65
N ASN A 116 12.28 -14.77 -1.70
CA ASN A 116 11.40 -15.09 -0.58
C ASN A 116 9.96 -14.66 -0.92
N SER A 117 9.03 -14.98 -0.01
CA SER A 117 7.67 -14.51 -0.19
C SER A 117 7.53 -13.01 0.03
N VAL A 118 8.45 -12.41 0.79
CA VAL A 118 8.39 -10.98 1.11
C VAL A 118 9.82 -10.47 1.25
N HIS A 119 9.98 -9.16 1.16
CA HIS A 119 11.28 -8.52 1.26
C HIS A 119 11.34 -7.63 2.51
N GLY A 120 12.53 -7.52 3.08
CA GLY A 120 12.72 -6.69 4.25
C GLY A 120 14.17 -6.27 4.39
N SER A 121 14.38 -5.13 5.03
CA SER A 121 15.73 -4.62 5.23
C SER A 121 16.44 -5.40 6.32
N ASP A 122 17.76 -5.54 6.14
CA ASP A 122 18.59 -6.31 7.07
C ASP A 122 19.46 -5.43 7.96
N SER A 123 19.50 -4.13 7.71
CA SER A 123 20.36 -3.21 8.46
C SER A 123 19.81 -1.80 8.30
N PRO A 124 20.15 -0.89 9.22
CA PRO A 124 19.67 0.50 9.07
C PRO A 124 20.13 1.16 7.79
N ALA A 125 21.41 1.02 7.43
CA ALA A 125 21.91 1.63 6.20
C ALA A 125 21.22 1.05 4.99
N SER A 126 20.90 -0.25 5.01
CA SER A 126 20.13 -0.84 3.92
C SER A 126 18.71 -0.31 3.91
N ALA A 127 18.10 -0.14 5.08
CA ALA A 127 16.75 0.41 5.14
C ALA A 127 16.72 1.84 4.64
N ALA A 128 17.74 2.64 4.98
CA ALA A 128 17.77 4.03 4.54
C ALA A 128 17.92 4.11 3.02
N ARG A 129 18.81 3.29 2.44
CA ARG A 129 19.03 3.34 1.01
C ARG A 129 17.83 2.80 0.22
N GLU A 130 17.12 1.81 0.78
CA GLU A 130 16.01 1.20 0.07
C GLU A 130 14.72 2.00 0.20
N ILE A 131 14.56 2.75 1.28
CA ILE A 131 13.38 3.59 1.42
C ILE A 131 13.47 4.80 0.49
N GLU A 132 14.66 5.39 0.38
CA GLU A 132 14.85 6.56 -0.46
C GLU A 132 14.78 6.25 -1.94
N PHE A 133 14.82 4.96 -2.33
CA PHE A 133 14.71 4.60 -3.73
C PHE A 133 13.26 4.57 -4.20
N PHE A 134 12.34 4.15 -3.33
CA PHE A 134 10.94 4.03 -3.70
C PHE A 134 10.06 5.16 -3.19
N PHE A 135 10.41 5.77 -2.06
CA PHE A 135 9.57 6.78 -1.44
C PHE A 135 10.35 8.07 -1.20
N PRO A 136 9.88 9.20 -1.71
CA PRO A 136 10.38 10.49 -1.22
C PRO A 136 9.75 10.83 0.12
N GLU A 137 10.40 11.76 0.82
CA GLU A 137 9.91 12.16 2.14
C GLU A 137 8.48 12.70 2.07
N SER A 138 8.10 13.28 0.93
CA SER A 138 6.75 13.78 0.76
C SER A 138 5.70 12.68 0.66
N GLU A 139 6.11 11.42 0.58
CA GLU A 139 5.19 10.29 0.53
C GLU A 139 5.15 9.50 1.82
N ILE A 140 5.99 9.84 2.80
CA ILE A 140 5.98 9.19 4.12
C ILE A 140 4.99 9.94 5.01
N CYS A 141 4.07 9.20 5.63
CA CYS A 141 2.99 9.80 6.39
C CYS A 141 3.13 9.47 7.87
N PRO A 142 3.62 10.38 8.70
CA PRO A 142 3.66 10.12 10.15
C PRO A 142 2.26 9.93 10.73
N ARG A 143 2.18 9.06 11.73
CA ARG A 143 0.89 8.59 12.26
C ARG A 143 0.15 9.64 13.09
N PRO A 144 0.82 10.43 13.96
CA PRO A 144 0.08 11.44 14.72
C PRO A 144 -0.85 12.33 13.89
N GLU B 6 -15.10 -4.17 -14.54
CA GLU B 6 -15.78 -3.25 -13.64
C GLU B 6 -14.97 -3.04 -12.35
N ARG B 7 -14.43 -1.83 -12.19
CA ARG B 7 -13.63 -1.50 -11.03
C ARG B 7 -14.33 -0.45 -10.17
N THR B 8 -14.12 -0.55 -8.87
CA THR B 8 -14.73 0.36 -7.88
C THR B 8 -13.62 1.12 -7.15
N PHE B 9 -14.03 1.90 -6.16
CA PHE B 9 -13.13 2.78 -5.42
C PHE B 9 -13.32 2.55 -3.92
N SER B 10 -12.25 2.82 -3.16
CA SER B 10 -12.28 2.57 -1.73
C SER B 10 -11.37 3.56 -1.02
N ILE B 11 -11.75 3.90 0.22
CA ILE B 11 -10.98 4.75 1.10
C ILE B 11 -11.03 4.16 2.51
N ILE B 12 -9.88 3.92 3.11
CA ILE B 12 -9.81 3.48 4.50
C ILE B 12 -9.67 4.73 5.36
N LYS B 13 -10.72 5.03 6.14
CA LYS B 13 -10.77 6.24 6.95
C LYS B 13 -9.66 6.24 8.00
N PRO B 14 -9.26 7.42 8.48
CA PRO B 14 -8.13 7.48 9.44
C PRO B 14 -8.36 6.70 10.73
N ASP B 15 -9.62 6.36 11.06
CA ASP B 15 -9.87 5.56 12.27
C ASP B 15 -9.24 4.18 12.15
N ALA B 16 -9.40 3.54 10.99
CA ALA B 16 -8.87 2.18 10.82
C ALA B 16 -7.36 2.20 10.57
N VAL B 17 -6.86 3.23 9.87
CA VAL B 17 -5.42 3.33 9.65
C VAL B 17 -4.69 3.54 10.98
N LYS B 18 -5.22 4.42 11.82
CA LYS B 18 -4.56 4.68 13.10
C LYS B 18 -4.63 3.45 14.01
N ARG B 19 -5.75 2.74 14.01
CA ARG B 19 -5.92 1.55 14.83
C ARG B 19 -5.25 0.31 14.24
N ASN B 20 -4.52 0.45 13.13
CA ASN B 20 -3.80 -0.64 12.48
C ASN B 20 -4.77 -1.75 12.06
N LEU B 21 -5.66 -1.38 11.15
CA LEU B 21 -6.67 -2.29 10.61
C LEU B 21 -6.59 -2.41 9.10
N ILE B 22 -5.45 -2.06 8.50
CA ILE B 22 -5.33 -2.10 7.05
C ILE B 22 -5.35 -3.54 6.56
N GLY B 23 -4.69 -4.45 7.28
CA GLY B 23 -4.65 -5.84 6.85
C GLY B 23 -6.00 -6.52 6.91
N GLU B 24 -6.77 -6.25 7.97
CA GLU B 24 -8.09 -6.86 8.09
C GLU B 24 -9.02 -6.40 6.96
N ILE B 25 -9.00 -5.11 6.64
CA ILE B 25 -9.86 -4.61 5.57
C ILE B 25 -9.43 -5.18 4.22
N TYR B 26 -8.13 -5.29 3.99
CA TYR B 26 -7.65 -5.86 2.72
C TYR B 26 -7.91 -7.35 2.65
N HIS B 27 -7.76 -8.07 3.77
CA HIS B 27 -7.96 -9.51 3.75
C HIS B 27 -9.42 -9.87 3.55
N ARG B 28 -10.33 -9.08 4.13
CA ARG B 28 -11.76 -9.34 3.97
C ARG B 28 -12.22 -9.09 2.54
N ILE B 29 -11.44 -8.37 1.74
CA ILE B 29 -11.78 -8.12 0.34
C ILE B 29 -11.21 -9.20 -0.58
N GLU B 30 -9.90 -9.46 -0.47
CA GLU B 30 -9.25 -10.43 -1.36
C GLU B 30 -9.86 -11.82 -1.23
N LYS B 31 -10.43 -12.14 -0.06
CA LYS B 31 -11.16 -13.38 0.13
C LYS B 31 -12.57 -13.31 -0.46
N ALA B 32 -13.05 -12.12 -0.82
CA ALA B 32 -14.38 -11.97 -1.40
C ALA B 32 -14.38 -12.02 -2.91
N GLY B 33 -13.21 -11.93 -3.55
CA GLY B 33 -13.09 -12.03 -5.00
C GLY B 33 -12.44 -10.83 -5.66
N LEU B 34 -12.43 -9.67 -5.01
CA LEU B 34 -11.85 -8.50 -5.63
C LEU B 34 -10.32 -8.57 -5.58
N GLN B 35 -9.68 -7.69 -6.35
CA GLN B 35 -8.22 -7.66 -6.44
C GLN B 35 -7.74 -6.22 -6.39
N ILE B 36 -6.81 -5.94 -5.50
CA ILE B 36 -6.23 -4.61 -5.37
C ILE B 36 -5.31 -4.37 -6.56
N ILE B 37 -5.71 -3.51 -7.48
CA ILE B 37 -4.94 -3.23 -8.70
C ILE B 37 -4.29 -1.86 -8.67
N ALA B 38 -4.50 -1.09 -7.60
CA ALA B 38 -3.86 0.21 -7.42
C ALA B 38 -4.11 0.71 -6.01
N ALA B 39 -3.08 1.19 -5.32
CA ALA B 39 -3.25 1.67 -3.96
C ALA B 39 -2.06 2.53 -3.55
N LYS B 40 -2.32 3.45 -2.62
CA LYS B 40 -1.30 4.32 -2.05
C LYS B 40 -1.86 4.99 -0.80
N MET B 41 -0.96 5.37 0.10
CA MET B 41 -1.34 6.02 1.36
C MET B 41 -1.04 7.51 1.26
N VAL B 42 -2.09 8.33 1.35
CA VAL B 42 -1.97 9.78 1.27
C VAL B 42 -2.58 10.38 2.53
N HIS B 43 -2.07 11.54 2.91
CA HIS B 43 -2.63 12.33 4.00
C HIS B 43 -3.28 13.56 3.40
N LEU B 44 -4.61 13.58 3.38
CA LEU B 44 -5.35 14.64 2.70
C LEU B 44 -5.17 15.99 3.39
N SER B 45 -5.17 17.04 2.59
CA SER B 45 -5.13 18.40 3.08
C SER B 45 -6.54 18.99 3.05
N GLU B 46 -6.66 20.26 3.45
CA GLU B 46 -7.96 20.92 3.45
C GLU B 46 -8.50 21.06 2.03
N GLU B 47 -7.64 21.43 1.08
CA GLU B 47 -8.09 21.55 -0.30
C GLU B 47 -8.33 20.19 -0.93
N GLN B 48 -7.55 19.17 -0.54
CA GLN B 48 -7.73 17.84 -1.09
C GLN B 48 -9.08 17.25 -0.66
N ALA B 49 -9.36 17.26 0.65
CA ALA B 49 -10.61 16.71 1.14
C ALA B 49 -11.82 17.51 0.63
N SER B 50 -11.63 18.80 0.38
CA SER B 50 -12.73 19.60 -0.14
C SER B 50 -13.05 19.22 -1.58
N GLY B 51 -12.03 18.97 -2.40
CA GLY B 51 -12.27 18.62 -3.79
C GLY B 51 -12.99 17.29 -3.95
N PHE B 52 -12.56 16.28 -3.19
CA PHE B 52 -13.20 14.97 -3.28
C PHE B 52 -14.62 15.01 -2.72
N TYR B 53 -14.89 15.91 -1.77
CA TYR B 53 -16.20 16.07 -1.15
C TYR B 53 -16.83 17.40 -1.53
N ALA B 54 -16.62 17.84 -2.77
CA ALA B 54 -17.11 19.13 -3.22
C ALA B 54 -18.61 19.15 -3.47
N GLU B 55 -19.23 17.97 -3.60
CA GLU B 55 -20.68 17.85 -3.77
C GLU B 55 -21.47 18.18 -2.50
N HIS B 56 -20.86 18.87 -1.54
CA HIS B 56 -21.57 19.26 -0.34
C HIS B 56 -21.48 20.77 -0.13
N GLU B 57 -20.37 21.22 0.45
CA GLU B 57 -20.10 22.64 0.69
C GLU B 57 -21.21 23.30 1.50
N PHE B 62 -20.22 18.77 6.37
CA PHE B 62 -19.19 19.10 5.40
C PHE B 62 -17.91 19.55 6.09
N GLU B 63 -17.99 20.66 6.81
CA GLU B 63 -16.82 21.15 7.55
C GLU B 63 -16.34 20.16 8.60
N PRO B 64 -17.18 19.54 9.43
CA PRO B 64 -16.67 18.52 10.36
C PRO B 64 -16.19 17.27 9.66
N LEU B 65 -16.69 16.96 8.47
CA LEU B 65 -16.23 15.78 7.74
C LEU B 65 -14.82 15.99 7.20
N LYS B 66 -14.51 17.22 6.77
CA LYS B 66 -13.17 17.51 6.27
C LYS B 66 -12.13 17.36 7.38
N GLU B 67 -12.50 17.76 8.60
CA GLU B 67 -11.54 17.69 9.71
C GLU B 67 -11.20 16.26 10.07
N PHE B 68 -12.19 15.34 9.98
CA PHE B 68 -11.93 13.95 10.31
C PHE B 68 -11.13 13.25 9.21
N MET B 69 -11.46 13.52 7.95
CA MET B 69 -10.74 12.90 6.84
C MET B 69 -9.32 13.43 6.68
N THR B 70 -8.97 14.52 7.36
CA THR B 70 -7.63 15.07 7.32
C THR B 70 -6.91 14.91 8.65
N SER B 71 -7.51 14.22 9.62
CA SER B 71 -6.91 14.03 10.94
C SER B 71 -5.90 12.89 10.96
N GLY B 72 -5.56 12.32 9.81
CA GLY B 72 -4.61 11.24 9.76
C GLY B 72 -4.51 10.62 8.38
N PRO B 73 -3.49 9.79 8.18
CA PRO B 73 -3.30 9.15 6.87
C PRO B 73 -4.43 8.17 6.56
N ILE B 74 -4.67 7.97 5.27
CA ILE B 74 -5.69 7.05 4.78
C ILE B 74 -5.06 6.11 3.76
N MET B 75 -5.78 5.03 3.46
CA MET B 75 -5.34 4.03 2.49
C MET B 75 -6.33 4.03 1.33
N VAL B 76 -5.95 4.63 0.22
CA VAL B 76 -6.75 4.68 -1.00
C VAL B 76 -6.38 3.47 -1.85
N GLN B 77 -7.38 2.87 -2.51
CA GLN B 77 -7.12 1.72 -3.35
C GLN B 77 -8.21 1.57 -4.40
N VAL B 78 -7.83 0.99 -5.53
CA VAL B 78 -8.75 0.65 -6.62
C VAL B 78 -8.92 -0.86 -6.64
N LEU B 79 -10.17 -1.32 -6.77
CA LEU B 79 -10.50 -2.74 -6.71
C LEU B 79 -11.08 -3.19 -8.03
N GLU B 80 -10.69 -4.39 -8.47
CA GLU B 80 -11.16 -4.95 -9.73
C GLU B 80 -11.83 -6.30 -9.47
N GLY B 81 -12.80 -6.62 -10.31
CA GLY B 81 -13.49 -7.89 -10.20
C GLY B 81 -14.81 -7.86 -10.96
N GLU B 82 -15.30 -9.06 -11.28
CA GLU B 82 -16.58 -9.22 -11.94
C GLU B 82 -17.70 -8.69 -11.05
N ASN B 83 -18.32 -7.58 -11.47
CA ASN B 83 -19.36 -6.91 -10.70
C ASN B 83 -18.85 -6.54 -9.31
N ALA B 84 -18.07 -5.47 -9.22
CA ALA B 84 -17.46 -5.03 -7.97
C ALA B 84 -18.32 -4.02 -7.21
N ILE B 85 -18.95 -3.07 -7.89
CA ILE B 85 -19.77 -2.06 -7.21
C ILE B 85 -20.82 -2.72 -6.35
N ALA B 86 -21.44 -3.80 -6.84
CA ALA B 86 -22.43 -4.52 -6.05
C ALA B 86 -21.78 -5.43 -5.02
N ARG B 87 -20.71 -6.13 -5.42
CA ARG B 87 -20.03 -7.02 -4.48
C ARG B 87 -19.37 -6.23 -3.36
N TYR B 88 -18.83 -5.05 -3.66
CA TYR B 88 -18.18 -4.24 -2.63
C TYR B 88 -19.19 -3.67 -1.66
N ARG B 89 -20.27 -3.08 -2.17
CA ARG B 89 -21.27 -2.46 -1.30
C ARG B 89 -21.91 -3.47 -0.36
N GLU B 90 -22.07 -4.72 -0.81
CA GLU B 90 -22.61 -5.76 0.05
C GLU B 90 -21.60 -6.27 1.06
N LEU B 91 -20.31 -6.08 0.82
CA LEU B 91 -19.29 -6.55 1.76
C LEU B 91 -19.32 -5.72 3.04
N MET B 92 -19.31 -4.40 2.91
CA MET B 92 -19.35 -3.52 4.07
C MET B 92 -20.78 -3.38 4.58
N ASN B 116 -19.25 6.08 9.07
CA ASN B 116 -18.98 4.66 8.86
C ASN B 116 -17.53 4.32 9.21
N SER B 117 -16.86 3.57 8.34
CA SER B 117 -15.49 3.15 8.60
C SER B 117 -14.70 2.99 7.30
N VAL B 118 -15.40 2.72 6.20
CA VAL B 118 -14.79 2.48 4.90
C VAL B 118 -15.66 3.11 3.83
N HIS B 119 -15.03 3.72 2.83
CA HIS B 119 -15.73 4.30 1.68
C HIS B 119 -15.86 3.27 0.56
N GLY B 120 -16.89 3.46 -0.27
CA GLY B 120 -17.10 2.64 -1.44
C GLY B 120 -18.03 3.30 -2.44
N SER B 121 -17.79 3.09 -3.73
CA SER B 121 -18.62 3.69 -4.76
C SER B 121 -20.03 3.11 -4.72
N ASP B 122 -21.02 3.98 -4.91
CA ASP B 122 -22.42 3.59 -4.88
C ASP B 122 -22.92 3.08 -6.22
N SER B 123 -22.52 3.73 -7.31
CA SER B 123 -22.93 3.38 -8.66
C SER B 123 -21.73 3.53 -9.58
N PRO B 124 -21.76 2.89 -10.75
CA PRO B 124 -20.73 3.14 -11.76
C PRO B 124 -20.78 4.59 -12.23
N ALA B 125 -19.69 5.02 -12.89
CA ALA B 125 -19.49 6.41 -13.33
C ALA B 125 -19.31 7.35 -12.14
N SER B 126 -19.74 6.91 -10.95
CA SER B 126 -19.32 7.55 -9.71
C SER B 126 -17.98 7.00 -9.23
N ALA B 127 -17.68 5.74 -9.54
CA ALA B 127 -16.34 5.23 -9.29
C ALA B 127 -15.34 5.82 -10.27
N ALA B 128 -15.76 6.06 -11.51
CA ALA B 128 -14.86 6.62 -12.53
C ALA B 128 -14.42 8.02 -12.13
N ARG B 129 -15.31 8.81 -11.54
CA ARG B 129 -14.94 10.14 -11.08
C ARG B 129 -14.04 10.09 -9.86
N GLU B 130 -14.25 9.10 -8.97
CA GLU B 130 -13.43 9.00 -7.77
C GLU B 130 -12.08 8.36 -8.06
N ILE B 131 -12.03 7.40 -8.99
CA ILE B 131 -10.76 6.79 -9.36
C ILE B 131 -9.87 7.81 -10.05
N GLU B 132 -10.43 8.56 -11.00
CA GLU B 132 -9.66 9.58 -11.70
C GLU B 132 -9.23 10.72 -10.79
N PHE B 133 -9.90 10.91 -9.66
CA PHE B 133 -9.52 11.97 -8.74
C PHE B 133 -8.21 11.64 -8.01
N PHE B 134 -7.97 10.35 -7.74
CA PHE B 134 -6.79 9.92 -7.02
C PHE B 134 -5.77 9.18 -7.88
N PHE B 135 -6.15 8.72 -9.08
CA PHE B 135 -5.30 7.81 -9.81
C PHE B 135 -5.21 8.12 -11.29
N PRO B 136 -4.03 8.48 -11.79
CA PRO B 136 -3.80 8.44 -13.24
C PRO B 136 -3.57 7.01 -13.71
N GLU B 137 -3.66 6.81 -15.03
CA GLU B 137 -3.49 5.48 -15.57
C GLU B 137 -2.08 4.95 -15.35
N SER B 138 -1.10 5.84 -15.23
CA SER B 138 0.27 5.42 -14.97
C SER B 138 0.45 4.84 -13.56
N GLU B 139 -0.52 5.03 -12.68
CA GLU B 139 -0.46 4.50 -11.32
C GLU B 139 -1.35 3.27 -11.13
N ILE B 140 -2.06 2.84 -12.17
CA ILE B 140 -2.94 1.68 -12.12
C ILE B 140 -2.22 0.51 -12.77
N CYS B 141 -2.18 -0.63 -12.07
CA CYS B 141 -1.39 -1.79 -12.48
C CYS B 141 -2.31 -2.97 -12.74
N PRO B 142 -2.78 -3.15 -13.98
CA PRO B 142 -3.48 -4.39 -14.32
C PRO B 142 -2.57 -5.59 -14.12
N ARG B 143 -3.17 -6.70 -13.69
CA ARG B 143 -2.42 -7.92 -13.38
C ARG B 143 -1.76 -8.51 -14.63
#